data_5LKQ
#
_entry.id   5LKQ
#
_cell.length_a   88.457
_cell.length_b   88.457
_cell.length_c   127.506
_cell.angle_alpha   90.00
_cell.angle_beta   90.00
_cell.angle_gamma   120.00
#
_symmetry.space_group_name_H-M   'H 3'
#
loop_
_entity.id
_entity.type
_entity.pdbx_description
1 polymer 'DNA repair protein RadA'
2 water water
#
_entity_poly.entity_id   1
_entity_poly.type   'polypeptide(L)'
_entity_poly.pdbx_seq_one_letter_code
;MASWSHPQFEKSGGGGGLVPRGSQVFLEERLDGATGSSIVVTMEGTRPILAEVQALVTPTMFGNAKRTTTGLDFNRASLI
MAVLEKRAGLLLQNQDAYLKSAGGVKLDEPAIDLAVAVAIASSYKDKPTNPQECFVGELGLTGEIRRVNRIEQRINEAAK
LGFTKIYVPKNSLTGITLPKEIQVIGVTTIQEVLKKVF
;
_entity_poly.pdbx_strand_id   A,B
#
# COMPACT_ATOMS: atom_id res chain seq x y z
N SER A 23 18.05 -1.71 -1.40
CA SER A 23 17.70 -0.46 -0.74
C SER A 23 17.10 0.51 -1.75
N GLN A 24 17.63 0.47 -2.97
CA GLN A 24 17.36 1.53 -3.94
C GLN A 24 15.92 1.50 -4.41
N VAL A 25 15.36 0.31 -4.56
CA VAL A 25 13.98 0.15 -5.00
C VAL A 25 13.01 0.69 -3.96
N PHE A 26 13.39 0.66 -2.67
CA PHE A 26 12.53 1.28 -1.66
C PHE A 26 12.71 2.80 -1.61
N LEU A 27 13.94 3.29 -1.79
CA LEU A 27 14.17 4.74 -1.77
C LEU A 27 13.56 5.47 -2.96
N GLU A 28 13.47 4.82 -4.12
CA GLU A 28 12.83 5.47 -5.26
C GLU A 28 11.33 5.56 -5.07
N GLU A 29 10.74 4.60 -4.37
CA GLU A 29 9.31 4.58 -4.14
C GLU A 29 8.87 5.45 -2.97
N ARG A 30 9.81 5.94 -2.16
CA ARG A 30 9.49 6.75 -0.98
C ARG A 30 9.43 8.22 -1.39
N LEU A 31 8.22 8.78 -1.40
CA LEU A 31 8.05 10.22 -1.58
C LEU A 31 8.85 10.97 -0.54
N ASP A 32 9.21 12.20 -0.87
CA ASP A 32 10.06 12.99 0.01
C ASP A 32 9.32 13.34 1.30
N GLY A 33 9.87 12.91 2.42
CA GLY A 33 9.23 13.14 3.70
C GLY A 33 7.91 12.42 3.89
N ALA A 34 7.64 11.39 3.09
CA ALA A 34 6.41 10.62 3.26
C ALA A 34 6.48 9.88 4.59
N THR A 35 5.42 10.02 5.39
CA THR A 35 5.37 9.45 6.72
C THR A 35 4.50 8.20 6.74
N GLY A 36 4.66 7.41 7.80
CA GLY A 36 3.83 6.24 8.01
C GLY A 36 4.27 5.00 7.28
N SER A 37 5.58 4.87 7.02
CA SER A 37 6.10 3.67 6.37
C SER A 37 7.43 3.28 7.00
N SER A 38 7.81 2.02 6.80
CA SER A 38 9.02 1.46 7.38
C SER A 38 9.35 0.16 6.66
N ILE A 39 10.61 -0.24 6.77
CA ILE A 39 11.13 -1.42 6.08
C ILE A 39 11.39 -2.51 7.11
N VAL A 40 11.04 -3.74 6.76
CA VAL A 40 11.28 -4.89 7.61
C VAL A 40 12.09 -5.92 6.82
N VAL A 41 12.97 -6.62 7.51
CA VAL A 41 13.70 -7.74 6.94
C VAL A 41 12.99 -9.00 7.44
N THR A 42 12.14 -9.57 6.58
CA THR A 42 11.34 -10.75 6.89
C THR A 42 11.84 -11.93 6.06
N MET A 43 11.21 -13.09 6.27
CA MET A 43 11.63 -14.35 5.66
C MET A 43 10.50 -14.96 4.85
N GLU A 44 10.83 -15.41 3.64
CA GLU A 44 9.98 -16.29 2.81
C GLU A 44 10.68 -17.63 2.80
N GLY A 45 10.15 -18.58 3.56
CA GLY A 45 10.90 -19.80 3.78
C GLY A 45 12.17 -19.50 4.56
N THR A 46 13.33 -19.81 3.95
CA THR A 46 14.62 -19.52 4.56
C THR A 46 15.32 -18.32 3.94
N ARG A 47 14.74 -17.74 2.89
CA ARG A 47 15.23 -16.54 2.21
C ARG A 47 14.79 -15.26 2.91
N PRO A 48 15.72 -14.34 3.19
CA PRO A 48 15.39 -13.03 3.78
C PRO A 48 14.98 -12.04 2.72
N ILE A 49 13.86 -11.36 2.98
CA ILE A 49 13.23 -10.45 2.04
C ILE A 49 12.97 -9.11 2.72
N LEU A 50 13.18 -8.04 1.96
CA LEU A 50 12.83 -6.71 2.41
C LEU A 50 11.41 -6.40 1.98
N ALA A 51 10.65 -5.79 2.89
CA ALA A 51 9.25 -5.45 2.65
C ALA A 51 8.96 -4.13 3.35
N GLU A 52 8.08 -3.33 2.74
CA GLU A 52 7.68 -2.06 3.31
C GLU A 52 6.31 -2.17 3.97
N VAL A 53 6.24 -1.75 5.22
CA VAL A 53 5.01 -1.69 6.00
C VAL A 53 4.50 -0.25 5.96
N GLN A 54 3.19 -0.08 5.79
CA GLN A 54 2.59 1.25 5.70
C GLN A 54 1.44 1.37 6.67
N ALA A 55 1.30 2.57 7.26
CA ALA A 55 0.23 2.85 8.21
C ALA A 55 -0.35 4.23 7.94
N LEU A 56 -1.65 4.38 8.23
CA LEU A 56 -2.32 5.67 8.12
C LEU A 56 -3.28 5.80 9.30
N VAL A 57 -2.99 6.72 10.22
CA VAL A 57 -3.81 6.90 11.43
C VAL A 57 -4.50 8.27 11.36
N THR A 58 -5.82 8.26 11.54
CA THR A 58 -6.67 9.44 11.58
C THR A 58 -7.77 9.20 12.61
N PRO A 59 -8.36 10.27 13.16
CA PRO A 59 -9.34 10.10 14.25
C PRO A 59 -10.64 9.42 13.82
N THR A 60 -11.16 8.58 14.72
CA THR A 60 -12.40 7.85 14.49
C THR A 60 -13.63 8.76 14.68
N MET A 61 -14.62 8.58 13.81
CA MET A 61 -15.85 9.35 13.89
C MET A 61 -16.97 8.63 14.63
N PHE A 62 -17.40 7.47 14.15
CA PHE A 62 -18.53 6.84 14.80
C PHE A 62 -18.26 5.34 14.94
N GLY A 63 -19.08 4.67 15.73
CA GLY A 63 -18.84 3.24 15.93
C GLY A 63 -17.45 2.99 16.50
N ASN A 64 -16.98 1.76 16.31
CA ASN A 64 -15.65 1.42 16.79
C ASN A 64 -14.58 2.08 15.91
N ALA A 65 -13.42 2.32 16.51
CA ALA A 65 -12.32 2.90 15.75
C ALA A 65 -11.92 1.95 14.64
N LYS A 66 -11.72 2.50 13.45
CA LYS A 66 -11.50 1.63 12.29
C LYS A 66 -10.10 1.03 12.37
N ARG A 67 -10.02 -0.29 12.15
CA ARG A 67 -8.74 -0.99 12.01
C ARG A 67 -8.89 -1.91 10.81
N THR A 68 -8.40 -1.47 9.66
CA THR A 68 -8.46 -2.25 8.43
C THR A 68 -7.04 -2.55 8.00
N THR A 69 -6.76 -3.82 7.69
CA THR A 69 -5.44 -4.24 7.27
C THR A 69 -5.54 -5.13 6.04
N THR A 70 -4.43 -5.17 5.30
CA THR A 70 -4.20 -6.12 4.22
C THR A 70 -2.73 -6.52 4.25
N GLY A 71 -2.46 -7.81 4.10
CA GLY A 71 -1.10 -8.29 4.09
C GLY A 71 -0.49 -8.54 5.44
N LEU A 72 -1.19 -8.19 6.52
CA LEU A 72 -0.74 -8.49 7.86
C LEU A 72 -1.97 -8.65 8.75
N ASP A 73 -1.81 -9.47 9.79
CA ASP A 73 -2.94 -9.87 10.63
C ASP A 73 -3.56 -8.66 11.34
N PHE A 74 -4.90 -8.62 11.32
CA PHE A 74 -5.65 -7.57 12.01
C PHE A 74 -5.38 -7.59 13.51
N ASN A 75 -5.40 -8.78 14.13
CA ASN A 75 -5.23 -8.88 15.57
C ASN A 75 -3.83 -8.48 16.00
N ARG A 76 -2.82 -8.87 15.21
CA ARG A 76 -1.45 -8.46 15.54
C ARG A 76 -1.33 -6.95 15.59
N ALA A 77 -1.98 -6.25 14.66
CA ALA A 77 -1.94 -4.80 14.66
C ALA A 77 -2.64 -4.22 15.88
N SER A 78 -3.77 -4.82 16.29
CA SER A 78 -4.47 -4.37 17.48
C SER A 78 -3.57 -4.48 18.71
N LEU A 79 -2.90 -5.63 18.86
CA LEU A 79 -1.95 -5.81 19.97
C LEU A 79 -0.87 -4.74 19.93
N ILE A 80 -0.32 -4.48 18.74
CA ILE A 80 0.77 -3.52 18.63
C ILE A 80 0.29 -2.13 19.00
N MET A 81 -0.94 -1.79 18.63
CA MET A 81 -1.46 -0.47 18.95
C MET A 81 -1.78 -0.35 20.43
N ALA A 82 -2.22 -1.43 21.08
CA ALA A 82 -2.42 -1.39 22.52
C ALA A 82 -1.10 -1.21 23.26
N VAL A 83 -0.04 -1.88 22.82
CA VAL A 83 1.28 -1.72 23.43
C VAL A 83 1.79 -0.30 23.23
N LEU A 84 1.60 0.26 22.04
CA LEU A 84 2.09 1.62 21.77
C LEU A 84 1.39 2.64 22.65
N GLU A 85 0.12 2.40 22.99
CA GLU A 85 -0.60 3.33 23.86
C GLU A 85 -0.20 3.15 25.32
N LYS A 86 -0.20 1.90 25.80
CA LYS A 86 0.03 1.66 27.21
C LYS A 86 1.48 1.91 27.61
N ARG A 87 2.43 1.67 26.71
CA ARG A 87 3.85 1.71 27.07
C ARG A 87 4.60 2.88 26.47
N ALA A 88 4.13 3.47 25.36
CA ALA A 88 4.74 4.64 24.76
C ALA A 88 3.82 5.85 24.73
N GLY A 89 2.61 5.75 25.28
CA GLY A 89 1.74 6.89 25.44
C GLY A 89 1.05 7.42 24.20
N LEU A 90 1.20 6.79 23.03
CA LEU A 90 0.49 7.27 21.86
C LEU A 90 -1.00 6.96 21.98
N LEU A 91 -1.84 7.96 21.80
CA LEU A 91 -3.27 7.80 22.08
C LEU A 91 -3.95 7.35 20.80
N LEU A 92 -4.04 6.03 20.65
CA LEU A 92 -4.52 5.38 19.45
C LEU A 92 -5.93 4.81 19.59
N GLN A 93 -6.50 4.82 20.80
CA GLN A 93 -7.80 4.20 21.03
C GLN A 93 -8.89 4.93 20.26
N ASN A 94 -8.71 6.23 20.03
CA ASN A 94 -9.67 7.05 19.31
C ASN A 94 -9.17 7.39 17.90
N GLN A 95 -8.35 6.53 17.34
CA GLN A 95 -7.78 6.74 16.02
C GLN A 95 -8.12 5.55 15.13
N ASP A 96 -8.51 5.84 13.89
CA ASP A 96 -8.61 4.81 12.88
C ASP A 96 -7.22 4.48 12.36
N ALA A 97 -7.02 3.22 12.00
CA ALA A 97 -5.73 2.78 11.49
C ALA A 97 -5.94 1.92 10.26
N TYR A 98 -5.21 2.26 9.20
CA TYR A 98 -5.17 1.46 7.98
C TYR A 98 -3.73 1.02 7.77
N LEU A 99 -3.51 -0.28 7.65
CA LEU A 99 -2.18 -0.84 7.52
C LEU A 99 -2.12 -1.76 6.31
N LYS A 100 -0.95 -1.81 5.69
CA LYS A 100 -0.75 -2.68 4.54
C LYS A 100 0.74 -2.92 4.36
N SER A 101 1.06 -4.05 3.75
CA SER A 101 2.41 -4.33 3.28
C SER A 101 2.45 -3.99 1.80
N ALA A 102 3.48 -3.25 1.38
CA ALA A 102 3.60 -2.88 -0.01
C ALA A 102 3.82 -4.12 -0.88
N GLY A 103 3.20 -4.13 -2.05
CA GLY A 103 3.38 -5.20 -3.01
C GLY A 103 2.59 -6.45 -2.73
N GLY A 104 1.71 -6.44 -1.75
CA GLY A 104 0.96 -7.66 -1.45
C GLY A 104 1.76 -8.76 -0.78
N VAL A 105 2.90 -8.44 -0.19
CA VAL A 105 3.70 -9.44 0.52
C VAL A 105 3.01 -9.79 1.84
N LYS A 106 2.80 -11.08 2.10
CA LYS A 106 2.18 -11.55 3.34
C LYS A 106 3.20 -11.46 4.47
N LEU A 107 2.91 -10.68 5.50
CA LEU A 107 3.79 -10.55 6.66
C LEU A 107 3.15 -11.31 7.80
N ASP A 108 3.73 -12.47 8.16
CA ASP A 108 3.12 -13.39 9.11
C ASP A 108 4.23 -14.05 9.95
N GLU A 109 4.90 -13.25 10.78
CA GLU A 109 5.93 -13.78 11.67
C GLU A 109 6.17 -12.76 12.76
N PRO A 110 6.63 -13.20 13.94
CA PRO A 110 6.84 -12.24 15.04
C PRO A 110 7.79 -11.11 14.71
N ALA A 111 8.77 -11.34 13.83
CA ALA A 111 9.83 -10.37 13.59
C ALA A 111 9.34 -9.04 12.98
N ILE A 112 8.14 -9.02 12.41
CA ILE A 112 7.65 -7.80 11.75
C ILE A 112 7.07 -6.79 12.72
N ASP A 113 6.92 -7.16 14.00
CA ASP A 113 6.28 -6.28 14.98
C ASP A 113 6.88 -4.88 15.00
N LEU A 114 8.22 -4.80 15.04
CA LEU A 114 8.87 -3.50 15.24
C LEU A 114 8.60 -2.56 14.07
N ALA A 115 8.76 -3.05 12.84
CA ALA A 115 8.50 -2.21 11.68
C ALA A 115 7.05 -1.72 11.66
N VAL A 116 6.11 -2.63 11.95
CA VAL A 116 4.69 -2.23 12.01
C VAL A 116 4.49 -1.15 13.07
N ALA A 117 5.07 -1.34 14.26
CA ALA A 117 4.95 -0.34 15.33
C ALA A 117 5.56 1.00 14.91
N VAL A 118 6.72 0.98 14.28
CA VAL A 118 7.36 2.22 13.85
C VAL A 118 6.52 2.92 12.78
N ALA A 119 6.01 2.17 11.80
CA ALA A 119 5.18 2.78 10.75
C ALA A 119 3.96 3.47 11.35
N ILE A 120 3.32 2.82 12.33
CA ILE A 120 2.17 3.45 12.99
C ILE A 120 2.59 4.73 13.70
N ALA A 121 3.67 4.64 14.49
CA ALA A 121 4.15 5.81 15.23
C ALA A 121 4.55 6.93 14.26
N SER A 122 5.14 6.56 13.12
CA SER A 122 5.51 7.56 12.12
C SER A 122 4.30 8.33 11.61
N SER A 123 3.21 7.63 11.31
CA SER A 123 2.00 8.31 10.86
C SER A 123 1.38 9.12 11.99
N TYR A 124 1.36 8.56 13.20
CA TYR A 124 0.81 9.26 14.36
C TYR A 124 1.63 10.51 14.70
N LYS A 125 2.96 10.39 14.66
CA LYS A 125 3.82 11.52 14.96
C LYS A 125 4.01 12.46 13.78
N ASP A 126 3.49 12.09 12.60
CA ASP A 126 3.70 12.86 11.36
C ASP A 126 5.18 13.10 11.09
N LYS A 127 6.03 12.13 11.46
CA LYS A 127 7.47 12.24 11.29
C LYS A 127 7.97 11.04 10.49
N PRO A 128 8.69 11.25 9.40
CA PRO A 128 9.07 10.13 8.52
C PRO A 128 10.22 9.30 9.08
N THR A 129 10.37 8.12 8.49
CA THR A 129 11.52 7.25 8.71
C THR A 129 12.47 7.37 7.53
N ASN A 130 13.70 6.91 7.74
CA ASN A 130 14.71 6.97 6.68
C ASN A 130 14.59 5.73 5.82
N PRO A 131 14.36 5.87 4.51
CA PRO A 131 14.16 4.70 3.65
C PRO A 131 15.40 3.82 3.50
N GLN A 132 16.54 4.20 4.08
CA GLN A 132 17.72 3.34 4.10
C GLN A 132 17.91 2.64 5.44
N GLU A 133 16.88 2.64 6.28
CA GLU A 133 16.92 1.94 7.55
C GLU A 133 15.78 0.93 7.60
N CYS A 134 15.99 -0.13 8.39
CA CYS A 134 14.99 -1.19 8.51
C CYS A 134 14.96 -1.68 9.95
N PHE A 135 13.88 -2.38 10.27
CA PHE A 135 13.57 -2.75 11.64
C PHE A 135 13.25 -4.23 11.71
N VAL A 136 13.77 -4.88 12.75
CA VAL A 136 13.59 -6.31 12.96
C VAL A 136 13.36 -6.53 14.45
N GLY A 137 12.25 -7.18 14.80
CA GLY A 137 12.00 -7.51 16.19
C GLY A 137 10.57 -7.85 16.54
N GLU A 138 10.40 -8.80 17.46
CA GLU A 138 9.10 -9.06 18.08
C GLU A 138 8.89 -8.10 19.23
N LEU A 139 7.65 -7.63 19.39
CA LEU A 139 7.33 -6.67 20.44
C LEU A 139 6.39 -7.33 21.45
N GLY A 140 6.84 -7.38 22.70
CA GLY A 140 6.06 -7.97 23.77
C GLY A 140 5.11 -6.97 24.38
N LEU A 141 4.20 -7.51 25.20
CA LEU A 141 3.17 -6.67 25.79
C LEU A 141 3.72 -5.69 26.83
N THR A 142 4.92 -5.95 27.36
CA THR A 142 5.57 -4.98 28.24
C THR A 142 6.44 -4.00 27.48
N GLY A 143 6.27 -3.89 26.16
CA GLY A 143 7.02 -2.94 25.36
C GLY A 143 8.43 -3.36 25.03
N GLU A 144 8.80 -4.60 25.34
CA GLU A 144 10.15 -5.10 25.12
C GLU A 144 10.32 -5.63 23.69
N ILE A 145 11.54 -5.53 23.19
CA ILE A 145 11.89 -6.05 21.86
C ILE A 145 12.55 -7.41 22.06
N ARG A 146 11.86 -8.47 21.63
CA ARG A 146 12.29 -9.84 21.86
C ARG A 146 13.03 -10.39 20.65
N ARG A 147 13.92 -11.36 20.90
CA ARG A 147 14.77 -11.89 19.85
C ARG A 147 13.94 -12.59 18.77
N VAL A 148 14.56 -12.73 17.61
CA VAL A 148 13.97 -13.41 16.46
C VAL A 148 15.01 -14.37 15.90
N ASN A 149 14.53 -15.30 15.09
CA ASN A 149 15.40 -16.30 14.50
C ASN A 149 16.15 -15.73 13.30
N ARG A 150 17.21 -16.45 12.93
CA ARG A 150 18.06 -16.16 11.77
C ARG A 150 18.38 -14.67 11.65
N ILE A 151 18.80 -14.09 12.78
CA ILE A 151 19.13 -12.67 12.80
C ILE A 151 20.31 -12.36 11.89
N GLU A 152 21.18 -13.34 11.64
CA GLU A 152 22.40 -13.05 10.87
C GLU A 152 22.10 -12.83 9.41
N GLN A 153 21.24 -13.65 8.82
CA GLN A 153 20.83 -13.39 7.43
C GLN A 153 20.15 -12.03 7.32
N ARG A 154 19.42 -11.62 8.36
CA ARG A 154 18.68 -10.36 8.29
C ARG A 154 19.64 -9.16 8.22
N ILE A 155 20.64 -9.10 9.12
CA ILE A 155 21.62 -8.01 9.00
C ILE A 155 22.39 -8.14 7.69
N ASN A 156 22.69 -9.37 7.27
CA ASN A 156 23.44 -9.55 6.04
C ASN A 156 22.65 -9.09 4.82
N GLU A 157 21.41 -9.56 4.68
CA GLU A 157 20.58 -9.13 3.56
C GLU A 157 20.33 -7.63 3.59
N ALA A 158 20.13 -7.05 4.78
CA ALA A 158 19.96 -5.61 4.86
C ALA A 158 21.23 -4.89 4.40
N ALA A 159 22.40 -5.37 4.84
CA ALA A 159 23.66 -4.78 4.41
C ALA A 159 23.90 -4.98 2.92
N LYS A 160 23.71 -6.21 2.44
CA LYS A 160 24.02 -6.54 1.05
C LYS A 160 23.21 -5.71 0.06
N LEU A 161 22.00 -5.32 0.43
CA LEU A 161 21.15 -4.53 -0.44
C LEU A 161 21.25 -3.04 -0.16
N GLY A 162 22.29 -2.60 0.55
CA GLY A 162 22.60 -1.19 0.66
C GLY A 162 21.90 -0.41 1.75
N PHE A 163 21.39 -1.07 2.78
CA PHE A 163 20.82 -0.33 3.91
C PHE A 163 21.94 0.14 4.83
N THR A 164 21.77 1.34 5.39
CA THR A 164 22.80 1.93 6.24
C THR A 164 22.66 1.56 7.71
N LYS A 165 21.44 1.33 8.18
CA LYS A 165 21.19 1.09 9.59
C LYS A 165 20.04 0.10 9.73
N ILE A 166 20.18 -0.83 10.68
CA ILE A 166 19.12 -1.78 11.00
C ILE A 166 18.97 -1.86 12.51
N TYR A 167 17.74 -1.72 12.98
CA TYR A 167 17.42 -1.92 14.40
C TYR A 167 17.03 -3.38 14.61
N VAL A 168 17.64 -4.02 15.61
CA VAL A 168 17.41 -5.41 15.93
C VAL A 168 17.30 -5.57 17.44
N PRO A 169 16.77 -6.68 17.92
CA PRO A 169 16.76 -6.93 19.37
C PRO A 169 18.19 -7.07 19.88
N LYS A 170 18.50 -6.35 20.97
CA LYS A 170 19.87 -6.38 21.48
C LYS A 170 20.24 -7.77 21.98
N ASN A 171 19.26 -8.51 22.53
CA ASN A 171 19.53 -9.87 22.97
C ASN A 171 19.83 -10.81 21.81
N SER A 172 19.51 -10.41 20.57
CA SER A 172 19.90 -11.18 19.40
C SER A 172 21.36 -10.95 19.01
N LEU A 173 22.00 -9.92 19.56
CA LEU A 173 23.37 -9.55 19.19
C LEU A 173 24.43 -10.36 19.92
N THR A 174 24.10 -10.92 21.08
CA THR A 174 25.05 -11.69 21.88
C THR A 174 25.67 -12.82 21.07
N GLY A 175 27.00 -12.82 20.97
CA GLY A 175 27.72 -13.86 20.28
C GLY A 175 27.65 -13.77 18.77
N ILE A 176 27.58 -12.56 18.22
CA ILE A 176 27.43 -12.41 16.78
C ILE A 176 28.49 -11.44 16.28
N THR A 177 28.92 -11.63 15.04
CA THR A 177 29.90 -10.74 14.43
C THR A 177 29.20 -9.72 13.54
N LEU A 178 29.27 -8.44 13.93
CA LEU A 178 28.65 -7.36 13.18
C LEU A 178 29.48 -7.02 11.93
N PRO A 179 28.84 -6.86 10.78
CA PRO A 179 29.53 -6.33 9.59
C PRO A 179 29.60 -4.82 9.65
N LYS A 180 30.67 -4.25 9.09
CA LYS A 180 30.79 -2.80 9.18
C LYS A 180 29.99 -2.07 8.09
N GLU A 181 29.48 -2.77 7.07
CA GLU A 181 28.77 -2.06 6.01
C GLU A 181 27.51 -1.38 6.51
N ILE A 182 26.95 -1.82 7.64
CA ILE A 182 25.67 -1.34 8.13
C ILE A 182 25.77 -1.12 9.63
N GLN A 183 25.29 0.02 10.11
CA GLN A 183 25.18 0.26 11.54
C GLN A 183 24.07 -0.62 12.13
N VAL A 184 24.41 -1.40 13.15
CA VAL A 184 23.48 -2.32 13.80
C VAL A 184 23.16 -1.75 15.18
N ILE A 185 21.91 -1.33 15.37
CA ILE A 185 21.46 -0.70 16.61
C ILE A 185 20.67 -1.75 17.38
N GLY A 186 21.24 -2.23 18.49
CA GLY A 186 20.52 -3.17 19.35
C GLY A 186 19.59 -2.42 20.28
N VAL A 187 18.32 -2.82 20.29
CA VAL A 187 17.32 -2.15 21.10
C VAL A 187 16.63 -3.16 22.01
N THR A 188 16.02 -2.65 23.08
CA THR A 188 15.33 -3.50 24.04
C THR A 188 13.89 -3.09 24.33
N THR A 189 13.50 -1.84 24.05
CA THR A 189 12.16 -1.36 24.36
C THR A 189 11.63 -0.52 23.21
N ILE A 190 10.30 -0.46 23.10
CA ILE A 190 9.68 0.33 22.04
C ILE A 190 9.89 1.82 22.30
N GLN A 191 9.93 2.24 23.57
CA GLN A 191 10.19 3.65 23.88
C GLN A 191 11.59 4.05 23.45
N GLU A 192 12.57 3.20 23.71
CA GLU A 192 13.93 3.48 23.29
C GLU A 192 14.02 3.62 21.77
N VAL A 193 13.27 2.79 21.03
CA VAL A 193 13.28 2.88 19.58
C VAL A 193 12.65 4.20 19.12
N LEU A 194 11.50 4.56 19.68
CA LEU A 194 10.83 5.79 19.27
C LEU A 194 11.71 7.01 19.49
N LYS A 195 12.51 7.01 20.55
CA LYS A 195 13.36 8.16 20.83
C LYS A 195 14.52 8.26 19.85
N LYS A 196 15.08 7.11 19.44
CA LYS A 196 16.14 7.11 18.44
C LYS A 196 15.62 7.47 17.06
N VAL A 197 14.43 6.99 16.71
CA VAL A 197 13.93 7.16 15.35
C VAL A 197 13.22 8.49 15.16
N PHE A 198 12.52 8.98 16.19
CA PHE A 198 11.76 10.22 16.10
C PHE A 198 12.26 11.25 17.12
N GLY B 22 -11.65 -5.67 -28.65
CA GLY B 22 -10.97 -5.54 -27.38
C GLY B 22 -11.22 -4.21 -26.70
N SER B 23 -10.77 -3.11 -27.30
CA SER B 23 -11.02 -1.80 -26.69
C SER B 23 -12.45 -1.33 -26.93
N GLN B 24 -13.00 -1.50 -28.13
CA GLN B 24 -14.36 -1.00 -28.30
C GLN B 24 -15.37 -1.92 -27.64
N VAL B 25 -15.04 -3.19 -27.36
CA VAL B 25 -16.03 -3.99 -26.64
C VAL B 25 -16.33 -3.31 -25.31
N PHE B 26 -15.38 -2.56 -24.76
CA PHE B 26 -15.64 -1.71 -23.62
C PHE B 26 -16.34 -0.42 -24.02
N LEU B 27 -15.97 0.16 -25.17
CA LEU B 27 -16.62 1.39 -25.62
C LEU B 27 -18.05 1.11 -26.07
N GLU B 28 -18.35 -0.09 -26.59
CA GLU B 28 -19.73 -0.40 -26.95
C GLU B 28 -20.58 -0.68 -25.71
N GLU B 29 -20.00 -1.18 -24.62
CA GLU B 29 -20.77 -1.39 -23.40
C GLU B 29 -20.92 -0.14 -22.55
N ARG B 30 -20.17 0.91 -22.86
CA ARG B 30 -20.15 2.11 -22.04
C ARG B 30 -21.26 3.06 -22.50
N LEU B 31 -22.30 3.22 -21.70
CA LEU B 31 -23.31 4.23 -21.96
C LEU B 31 -22.67 5.60 -22.10
N ASP B 32 -23.35 6.48 -22.84
CA ASP B 32 -22.79 7.79 -23.14
C ASP B 32 -22.69 8.62 -21.87
N GLY B 33 -21.47 9.05 -21.55
CA GLY B 33 -21.23 9.81 -20.34
C GLY B 33 -21.42 9.03 -19.06
N ALA B 34 -21.41 7.70 -19.12
CA ALA B 34 -21.54 6.90 -17.91
C ALA B 34 -20.34 7.12 -17.00
N THR B 35 -20.61 7.40 -15.74
CA THR B 35 -19.57 7.69 -14.75
C THR B 35 -19.34 6.48 -13.86
N GLY B 36 -18.21 6.50 -13.17
CA GLY B 36 -17.91 5.47 -12.19
C GLY B 36 -17.33 4.20 -12.74
N SER B 37 -16.61 4.26 -13.86
CA SER B 37 -16.00 3.07 -14.41
C SER B 37 -14.60 3.39 -14.93
N SER B 38 -13.79 2.34 -15.04
CA SER B 38 -12.41 2.49 -15.47
C SER B 38 -11.90 1.11 -15.86
N ILE B 39 -10.84 1.11 -16.66
CA ILE B 39 -10.27 -0.11 -17.21
C ILE B 39 -8.94 -0.38 -16.52
N VAL B 40 -8.71 -1.64 -16.18
CA VAL B 40 -7.46 -2.09 -15.59
C VAL B 40 -6.90 -3.21 -16.43
N VAL B 41 -5.58 -3.28 -16.51
CA VAL B 41 -4.89 -4.41 -17.12
C VAL B 41 -4.38 -5.27 -15.96
N THR B 42 -5.08 -6.35 -15.67
CA THR B 42 -4.71 -7.25 -14.59
C THR B 42 -4.24 -8.59 -15.17
N MET B 43 -3.77 -9.47 -14.29
CA MET B 43 -3.13 -10.72 -14.73
C MET B 43 -3.84 -11.91 -14.11
N GLU B 44 -4.15 -12.91 -14.95
CA GLU B 44 -4.57 -14.24 -14.54
C GLU B 44 -3.46 -15.21 -14.89
N GLY B 45 -2.73 -15.66 -13.88
CA GLY B 45 -1.52 -16.43 -14.14
C GLY B 45 -0.51 -15.56 -14.86
N THR B 46 -0.13 -15.96 -16.07
CA THR B 46 0.79 -15.17 -16.87
C THR B 46 0.12 -14.39 -17.97
N ARG B 47 -1.19 -14.61 -18.19
CA ARG B 47 -1.93 -13.91 -19.23
C ARG B 47 -2.47 -12.57 -18.72
N PRO B 48 -2.26 -11.48 -19.46
CA PRO B 48 -2.86 -10.20 -19.06
C PRO B 48 -4.29 -10.07 -19.57
N ILE B 49 -5.17 -9.61 -18.70
CA ILE B 49 -6.58 -9.47 -18.99
C ILE B 49 -7.00 -8.03 -18.75
N LEU B 50 -7.84 -7.53 -19.66
CA LEU B 50 -8.46 -6.22 -19.50
C LEU B 50 -9.78 -6.41 -18.78
N ALA B 51 -10.04 -5.55 -17.80
CA ALA B 51 -11.24 -5.65 -16.98
C ALA B 51 -11.75 -4.27 -16.64
N GLU B 52 -13.07 -4.14 -16.53
CA GLU B 52 -13.69 -2.88 -16.17
C GLU B 52 -14.06 -2.90 -14.68
N VAL B 53 -13.59 -1.89 -13.97
CA VAL B 53 -13.95 -1.69 -12.57
C VAL B 53 -15.09 -0.69 -12.53
N GLN B 54 -16.08 -0.95 -11.70
CA GLN B 54 -17.24 -0.08 -11.62
C GLN B 54 -17.47 0.33 -10.17
N ALA B 55 -17.88 1.58 -9.97
CA ALA B 55 -18.13 2.11 -8.65
C ALA B 55 -19.43 2.90 -8.66
N LEU B 56 -20.11 2.87 -7.52
CA LEU B 56 -21.34 3.63 -7.30
C LEU B 56 -21.20 4.27 -5.93
N VAL B 57 -20.95 5.57 -5.92
CA VAL B 57 -20.77 6.33 -4.69
C VAL B 57 -21.94 7.28 -4.58
N THR B 58 -22.70 7.17 -3.50
CA THR B 58 -23.85 8.00 -3.27
C THR B 58 -23.94 8.32 -1.78
N PRO B 59 -24.51 9.47 -1.42
CA PRO B 59 -24.50 9.87 -0.01
C PRO B 59 -25.33 8.94 0.85
N THR B 60 -24.87 8.74 2.08
CA THR B 60 -25.62 7.90 3.01
C THR B 60 -26.87 8.65 3.45
N MET B 61 -27.97 7.92 3.54
CA MET B 61 -29.23 8.51 3.99
C MET B 61 -29.40 8.31 5.49
N PHE B 62 -29.29 7.06 5.93
CA PHE B 62 -29.45 6.74 7.34
C PHE B 62 -28.38 5.72 7.74
N GLY B 63 -28.20 5.57 9.04
CA GLY B 63 -27.20 4.68 9.60
C GLY B 63 -25.77 4.93 9.12
N ASN B 64 -24.96 3.89 9.30
CA ASN B 64 -23.57 3.92 8.88
C ASN B 64 -23.44 3.77 7.37
N ALA B 65 -22.35 4.30 6.83
CA ALA B 65 -22.10 4.21 5.40
C ALA B 65 -21.93 2.77 4.95
N LYS B 66 -22.66 2.38 3.91
CA LYS B 66 -22.62 1.04 3.36
C LYS B 66 -21.44 0.86 2.41
N ARG B 67 -20.76 -0.28 2.53
CA ARG B 67 -19.66 -0.66 1.63
C ARG B 67 -19.85 -2.11 1.19
N THR B 68 -20.33 -2.31 -0.04
CA THR B 68 -20.50 -3.63 -0.61
C THR B 68 -19.63 -3.78 -1.84
N THR B 69 -18.94 -4.91 -1.95
CA THR B 69 -18.08 -5.20 -3.09
C THR B 69 -18.36 -6.61 -3.61
N THR B 70 -18.06 -6.80 -4.89
CA THR B 70 -18.01 -8.12 -5.50
C THR B 70 -16.86 -8.14 -6.49
N GLY B 71 -16.10 -9.23 -6.51
CA GLY B 71 -15.01 -9.35 -7.46
C GLY B 71 -13.72 -8.69 -7.03
N LEU B 72 -13.70 -7.98 -5.92
CA LEU B 72 -12.47 -7.41 -5.38
C LEU B 72 -12.58 -7.33 -3.87
N ASP B 73 -11.42 -7.37 -3.20
CA ASP B 73 -11.38 -7.48 -1.75
C ASP B 73 -12.05 -6.28 -1.09
N PHE B 74 -12.88 -6.56 -0.08
CA PHE B 74 -13.55 -5.51 0.66
C PHE B 74 -12.54 -4.60 1.36
N ASN B 75 -11.52 -5.18 1.99
CA ASN B 75 -10.54 -4.38 2.72
C ASN B 75 -9.73 -3.50 1.77
N ARG B 76 -9.37 -4.03 0.60
CA ARG B 76 -8.61 -3.24 -0.36
C ARG B 76 -9.38 -1.98 -0.75
N ALA B 77 -10.70 -2.10 -0.94
CA ALA B 77 -11.49 -0.92 -1.28
C ALA B 77 -11.52 0.07 -0.12
N SER B 78 -11.63 -0.43 1.11
CA SER B 78 -11.60 0.44 2.28
C SER B 78 -10.30 1.23 2.36
N LEU B 79 -9.17 0.54 2.18
CA LEU B 79 -7.87 1.20 2.16
C LEU B 79 -7.81 2.27 1.06
N ILE B 80 -8.29 1.93 -0.14
CA ILE B 80 -8.22 2.87 -1.25
C ILE B 80 -9.06 4.10 -0.96
N MET B 81 -10.21 3.90 -0.33
CA MET B 81 -11.08 5.01 -0.03
C MET B 81 -10.50 5.91 1.06
N ALA B 82 -9.78 5.33 2.03
CA ALA B 82 -9.10 6.14 3.04
C ALA B 82 -7.99 6.97 2.41
N VAL B 83 -7.24 6.39 1.47
CA VAL B 83 -6.19 7.13 0.77
C VAL B 83 -6.77 8.28 -0.04
N LEU B 84 -7.89 8.02 -0.76
CA LEU B 84 -8.49 9.06 -1.58
C LEU B 84 -9.00 10.21 -0.73
N GLU B 85 -9.43 9.92 0.49
CA GLU B 85 -9.91 10.95 1.39
C GLU B 85 -8.75 11.72 2.02
N LYS B 86 -7.77 10.99 2.56
CA LYS B 86 -6.67 11.65 3.25
C LYS B 86 -5.73 12.37 2.29
N ARG B 87 -5.57 11.86 1.07
CA ARG B 87 -4.60 12.42 0.12
C ARG B 87 -5.23 13.15 -1.06
N ALA B 88 -6.47 12.87 -1.42
CA ALA B 88 -7.10 13.56 -2.52
C ALA B 88 -8.31 14.39 -2.11
N GLY B 89 -8.61 14.49 -0.82
CA GLY B 89 -9.63 15.38 -0.33
C GLY B 89 -11.07 14.96 -0.57
N LEU B 90 -11.30 13.78 -1.15
CA LEU B 90 -12.66 13.32 -1.40
C LEU B 90 -13.28 12.85 -0.08
N LEU B 91 -14.45 13.36 0.28
CA LEU B 91 -15.02 13.03 1.59
C LEU B 91 -15.92 11.82 1.43
N LEU B 92 -15.35 10.64 1.71
CA LEU B 92 -16.01 9.37 1.46
C LEU B 92 -16.58 8.74 2.72
N GLN B 93 -16.30 9.30 3.89
CA GLN B 93 -16.73 8.68 5.14
C GLN B 93 -18.26 8.70 5.28
N ASN B 94 -18.93 9.67 4.68
CA ASN B 94 -20.39 9.75 4.74
C ASN B 94 -21.05 9.36 3.42
N GLN B 95 -20.39 8.52 2.63
CA GLN B 95 -20.90 8.07 1.34
C GLN B 95 -20.93 6.56 1.31
N ASP B 96 -22.03 6.02 0.79
CA ASP B 96 -22.07 4.59 0.52
C ASP B 96 -21.28 4.28 -0.74
N ALA B 97 -20.65 3.11 -0.76
CA ALA B 97 -19.88 2.69 -1.92
C ALA B 97 -20.22 1.26 -2.27
N TYR B 98 -20.57 1.04 -3.53
CA TYR B 98 -20.79 -0.28 -4.10
C TYR B 98 -19.80 -0.43 -5.24
N LEU B 99 -19.00 -1.49 -5.19
CA LEU B 99 -17.98 -1.72 -6.21
C LEU B 99 -18.10 -3.13 -6.77
N LYS B 100 -17.74 -3.27 -8.04
CA LYS B 100 -17.78 -4.57 -8.68
C LYS B 100 -16.84 -4.54 -9.87
N SER B 101 -16.35 -5.71 -10.24
CA SER B 101 -15.65 -5.91 -11.50
C SER B 101 -16.64 -6.47 -12.50
N ALA B 102 -16.70 -5.86 -13.68
CA ALA B 102 -17.61 -6.32 -14.71
C ALA B 102 -17.22 -7.70 -15.20
N GLY B 103 -18.22 -8.51 -15.52
CA GLY B 103 -17.98 -9.82 -16.07
C GLY B 103 -17.59 -10.88 -15.06
N GLY B 104 -17.65 -10.59 -13.78
CA GLY B 104 -17.28 -11.58 -12.78
C GLY B 104 -15.80 -11.87 -12.69
N VAL B 105 -14.95 -10.99 -13.20
CA VAL B 105 -13.50 -11.15 -13.14
C VAL B 105 -13.05 -10.86 -11.72
N LYS B 106 -12.31 -11.80 -11.13
CA LYS B 106 -11.83 -11.60 -9.76
C LYS B 106 -10.55 -10.77 -9.81
N LEU B 107 -10.58 -9.63 -9.15
CA LEU B 107 -9.46 -8.69 -9.12
C LEU B 107 -8.73 -8.84 -7.80
N ASP B 108 -7.52 -9.42 -7.84
CA ASP B 108 -6.81 -9.82 -6.62
C ASP B 108 -5.30 -9.61 -6.79
N GLU B 109 -4.89 -8.35 -6.93
CA GLU B 109 -3.47 -8.05 -7.04
C GLU B 109 -3.28 -6.55 -6.81
N PRO B 110 -2.09 -6.14 -6.35
CA PRO B 110 -1.85 -4.71 -6.10
C PRO B 110 -2.07 -3.81 -7.31
N ALA B 111 -1.85 -4.32 -8.53
CA ALA B 111 -1.87 -3.46 -9.70
C ALA B 111 -3.23 -2.83 -9.98
N ILE B 112 -4.31 -3.37 -9.40
CA ILE B 112 -5.65 -2.85 -9.67
C ILE B 112 -6.00 -1.61 -8.85
N ASP B 113 -5.18 -1.25 -7.87
CA ASP B 113 -5.50 -0.15 -6.97
C ASP B 113 -5.88 1.13 -7.73
N LEU B 114 -5.07 1.50 -8.73
CA LEU B 114 -5.28 2.77 -9.41
C LEU B 114 -6.64 2.80 -10.12
N ALA B 115 -6.97 1.74 -10.84
CA ALA B 115 -8.26 1.68 -11.54
C ALA B 115 -9.42 1.77 -10.57
N VAL B 116 -9.35 1.06 -9.43
CA VAL B 116 -10.39 1.14 -8.42
C VAL B 116 -10.52 2.58 -7.91
N ALA B 117 -9.39 3.21 -7.59
CA ALA B 117 -9.40 4.59 -7.10
C ALA B 117 -10.01 5.55 -8.13
N VAL B 118 -9.65 5.39 -9.40
CA VAL B 118 -10.20 6.25 -10.44
C VAL B 118 -11.70 6.01 -10.58
N ALA B 119 -12.12 4.74 -10.54
CA ALA B 119 -13.55 4.43 -10.64
C ALA B 119 -14.33 5.07 -9.50
N ILE B 120 -13.78 5.03 -8.29
CA ILE B 120 -14.44 5.67 -7.14
C ILE B 120 -14.50 7.18 -7.34
N ALA B 121 -13.35 7.78 -7.70
CA ALA B 121 -13.32 9.23 -7.89
C ALA B 121 -14.25 9.66 -9.03
N SER B 122 -14.36 8.84 -10.07
CA SER B 122 -15.25 9.17 -11.19
C SER B 122 -16.71 9.22 -10.75
N SER B 123 -17.16 8.25 -9.94
CA SER B 123 -18.54 8.27 -9.48
C SER B 123 -18.77 9.42 -8.51
N TYR B 124 -17.80 9.68 -7.63
CA TYR B 124 -17.92 10.78 -6.68
C TYR B 124 -17.94 12.13 -7.40
N LYS B 125 -17.06 12.32 -8.40
CA LYS B 125 -16.99 13.60 -9.11
C LYS B 125 -18.07 13.74 -10.17
N ASP B 126 -18.84 12.70 -10.46
CA ASP B 126 -19.82 12.71 -11.55
C ASP B 126 -19.19 13.08 -12.88
N LYS B 127 -17.93 12.68 -13.08
CA LYS B 127 -17.26 12.94 -14.35
C LYS B 127 -16.72 11.65 -14.94
N PRO B 128 -17.02 11.35 -16.19
CA PRO B 128 -16.64 10.06 -16.75
C PRO B 128 -15.16 9.95 -17.09
N THR B 129 -14.72 8.72 -17.27
CA THR B 129 -13.40 8.38 -17.79
C THR B 129 -13.53 8.03 -19.27
N ASN B 130 -12.40 8.04 -19.95
CA ASN B 130 -12.39 7.72 -21.36
C ASN B 130 -12.28 6.20 -21.50
N PRO B 131 -13.27 5.55 -22.11
CA PRO B 131 -13.27 4.08 -22.19
C PRO B 131 -12.17 3.48 -23.05
N GLN B 132 -11.33 4.30 -23.68
CA GLN B 132 -10.15 3.80 -24.37
C GLN B 132 -8.89 4.01 -23.56
N GLU B 133 -9.02 4.28 -22.27
CA GLU B 133 -7.87 4.44 -21.39
C GLU B 133 -7.94 3.42 -20.25
N CYS B 134 -6.78 3.06 -19.75
CA CYS B 134 -6.70 2.06 -18.70
C CYS B 134 -5.62 2.47 -17.72
N PHE B 135 -5.68 1.87 -16.53
CA PHE B 135 -4.88 2.29 -15.40
C PHE B 135 -4.23 1.08 -14.78
N VAL B 136 -2.95 1.23 -14.42
CA VAL B 136 -2.17 0.16 -13.82
C VAL B 136 -1.30 0.77 -12.73
N GLY B 137 -1.42 0.25 -11.51
CA GLY B 137 -0.57 0.70 -10.42
C GLY B 137 -1.05 0.35 -9.04
N GLU B 138 -0.11 0.07 -8.14
CA GLU B 138 -0.41 -0.05 -6.72
C GLU B 138 -0.44 1.33 -6.08
N LEU B 139 -1.34 1.51 -5.12
CA LEU B 139 -1.52 2.80 -4.46
C LEU B 139 -1.08 2.66 -3.01
N GLY B 140 -0.10 3.48 -2.62
CA GLY B 140 0.39 3.46 -1.27
C GLY B 140 -0.42 4.37 -0.37
N LEU B 141 -0.22 4.23 0.94
CA LEU B 141 -1.02 4.97 1.89
C LEU B 141 -0.70 6.46 1.91
N THR B 142 0.48 6.85 1.42
CA THR B 142 0.83 8.25 1.22
C THR B 142 0.47 8.76 -0.17
N GLY B 143 -0.39 8.04 -0.89
CA GLY B 143 -0.85 8.47 -2.21
C GLY B 143 0.08 8.21 -3.37
N GLU B 144 1.17 7.46 -3.17
CA GLU B 144 2.12 7.21 -4.24
C GLU B 144 1.68 6.03 -5.09
N ILE B 145 2.06 6.07 -6.37
CA ILE B 145 1.80 5.00 -7.31
C ILE B 145 3.07 4.16 -7.39
N ARG B 146 3.01 2.94 -6.87
CA ARG B 146 4.16 2.05 -6.76
C ARG B 146 4.20 1.07 -7.93
N ARG B 147 5.40 0.58 -8.23
CA ARG B 147 5.58 -0.30 -9.38
C ARG B 147 4.85 -1.62 -9.20
N VAL B 148 4.60 -2.29 -10.33
CA VAL B 148 3.93 -3.58 -10.39
C VAL B 148 4.73 -4.50 -11.30
N ASN B 149 4.42 -5.78 -11.22
CA ASN B 149 5.13 -6.78 -12.02
C ASN B 149 4.59 -6.81 -13.45
N ARG B 150 5.38 -7.39 -14.33
CA ARG B 150 5.03 -7.61 -15.73
C ARG B 150 4.36 -6.38 -16.37
N ILE B 151 5.00 -5.22 -16.18
CA ILE B 151 4.45 -3.98 -16.74
C ILE B 151 4.43 -4.05 -18.26
N GLU B 152 5.34 -4.81 -18.86
CA GLU B 152 5.47 -4.82 -20.31
C GLU B 152 4.31 -5.54 -20.97
N GLN B 153 3.93 -6.70 -20.43
CA GLN B 153 2.76 -7.41 -20.95
C GLN B 153 1.50 -6.57 -20.77
N ARG B 154 1.41 -5.81 -19.68
CA ARG B 154 0.23 -4.99 -19.44
C ARG B 154 0.12 -3.88 -20.47
N ILE B 155 1.21 -3.15 -20.71
CA ILE B 155 1.19 -2.08 -21.69
C ILE B 155 1.00 -2.65 -23.09
N ASN B 156 1.60 -3.82 -23.35
CA ASN B 156 1.47 -4.47 -24.65
C ASN B 156 0.04 -4.93 -24.88
N GLU B 157 -0.56 -5.58 -23.88
CA GLU B 157 -1.93 -6.04 -24.01
C GLU B 157 -2.86 -4.86 -24.24
N ALA B 158 -2.60 -3.73 -23.58
CA ALA B 158 -3.42 -2.55 -23.79
C ALA B 158 -3.33 -2.05 -25.23
N ALA B 159 -2.11 -2.03 -25.79
CA ALA B 159 -1.93 -1.61 -27.18
C ALA B 159 -2.57 -2.61 -28.15
N LYS B 160 -2.34 -3.92 -27.88
CA LYS B 160 -2.81 -5.04 -28.69
C LYS B 160 -4.31 -4.94 -28.95
N LEU B 161 -5.04 -4.52 -27.93
CA LEU B 161 -6.47 -4.41 -27.96
C LEU B 161 -6.95 -3.00 -28.27
N GLY B 162 -6.09 -2.12 -28.76
CA GLY B 162 -6.57 -0.85 -29.30
C GLY B 162 -6.78 0.27 -28.31
N PHE B 163 -6.17 0.22 -27.14
CA PHE B 163 -6.29 1.33 -26.20
C PHE B 163 -5.35 2.47 -26.60
N THR B 164 -5.79 3.70 -26.38
CA THR B 164 -5.04 4.88 -26.80
C THR B 164 -4.07 5.38 -25.72
N LYS B 165 -4.40 5.18 -24.45
CA LYS B 165 -3.60 5.72 -23.36
C LYS B 165 -3.66 4.78 -22.16
N ILE B 166 -2.52 4.61 -21.49
CA ILE B 166 -2.44 3.83 -20.26
C ILE B 166 -1.61 4.59 -19.25
N TYR B 167 -2.15 4.73 -18.03
CA TYR B 167 -1.42 5.30 -16.91
C TYR B 167 -0.74 4.18 -16.15
N VAL B 168 0.56 4.33 -15.89
CA VAL B 168 1.36 3.29 -15.24
C VAL B 168 2.26 3.95 -14.18
N PRO B 169 2.79 3.13 -13.26
CA PRO B 169 3.72 3.70 -12.27
C PRO B 169 4.95 4.26 -12.97
N LYS B 170 5.32 5.49 -12.57
CA LYS B 170 6.42 6.18 -13.23
C LYS B 170 7.74 5.43 -13.06
N ASN B 171 7.92 4.77 -11.91
CA ASN B 171 9.12 3.97 -11.69
C ASN B 171 9.11 2.64 -12.44
N SER B 172 7.98 2.22 -12.98
CA SER B 172 7.93 1.00 -13.79
C SER B 172 8.51 1.19 -15.19
N LEU B 173 8.73 2.44 -15.61
CA LEU B 173 9.19 2.72 -16.97
C LEU B 173 10.70 2.58 -17.15
N THR B 174 11.47 2.68 -16.07
CA THR B 174 12.93 2.65 -16.17
C THR B 174 13.41 1.39 -16.88
N GLY B 175 14.10 1.59 -18.01
CA GLY B 175 14.68 0.47 -18.74
C GLY B 175 13.67 -0.35 -19.52
N ILE B 176 12.60 0.26 -20.02
CA ILE B 176 11.54 -0.50 -20.65
C ILE B 176 11.26 0.04 -22.05
N THR B 177 10.85 -0.85 -22.95
CA THR B 177 10.51 -0.48 -24.33
C THR B 177 9.00 -0.35 -24.51
N LEU B 178 8.56 0.87 -24.80
CA LEU B 178 7.17 1.27 -25.02
C LEU B 178 6.71 0.91 -26.44
N PRO B 179 5.47 0.48 -26.60
CA PRO B 179 4.90 0.34 -27.94
C PRO B 179 4.51 1.72 -28.48
N LYS B 180 4.56 1.83 -29.80
CA LYS B 180 4.30 3.10 -30.50
C LYS B 180 2.82 3.39 -30.61
N GLU B 181 2.00 2.36 -30.46
CA GLU B 181 0.56 2.44 -30.63
C GLU B 181 -0.15 3.20 -29.53
N ILE B 182 0.47 3.34 -28.35
CA ILE B 182 -0.25 3.79 -27.16
C ILE B 182 0.61 4.80 -26.39
N GLN B 183 -0.03 5.88 -25.94
CA GLN B 183 0.61 6.81 -25.02
C GLN B 183 0.76 6.14 -23.66
N VAL B 184 1.97 6.17 -23.11
CA VAL B 184 2.25 5.62 -21.80
C VAL B 184 2.59 6.80 -20.88
N ILE B 185 1.69 7.07 -19.93
CA ILE B 185 1.86 8.18 -19.00
C ILE B 185 2.29 7.62 -17.65
N GLY B 186 3.54 7.88 -17.28
CA GLY B 186 4.03 7.49 -15.97
C GLY B 186 3.58 8.49 -14.92
N VAL B 187 2.98 7.98 -13.85
CA VAL B 187 2.45 8.82 -12.78
C VAL B 187 3.12 8.42 -11.47
N THR B 188 3.08 9.33 -10.50
CA THR B 188 3.70 9.09 -9.21
C THR B 188 2.77 9.27 -8.01
N THR B 189 1.68 10.02 -8.15
CA THR B 189 0.77 10.28 -7.04
C THR B 189 -0.66 10.18 -7.52
N ILE B 190 -1.56 9.88 -6.58
CA ILE B 190 -2.97 9.75 -6.93
C ILE B 190 -3.58 11.11 -7.28
N GLN B 191 -3.12 12.20 -6.65
CA GLN B 191 -3.64 13.52 -7.02
C GLN B 191 -3.27 13.87 -8.45
N GLU B 192 -2.02 13.57 -8.84
CA GLU B 192 -1.60 13.82 -10.20
C GLU B 192 -2.49 13.09 -11.21
N VAL B 193 -2.90 11.87 -10.88
CA VAL B 193 -3.77 11.12 -11.78
C VAL B 193 -5.15 11.77 -11.87
N LEU B 194 -5.74 12.13 -10.72
CA LEU B 194 -7.06 12.72 -10.73
C LEU B 194 -7.08 14.02 -11.54
N LYS B 195 -6.01 14.81 -11.47
CA LYS B 195 -5.99 16.10 -12.17
C LYS B 195 -5.78 15.90 -13.66
N LYS B 196 -4.97 14.92 -14.06
CA LYS B 196 -4.85 14.61 -15.49
C LYS B 196 -6.13 13.99 -16.03
N VAL B 197 -6.78 13.14 -15.24
CA VAL B 197 -7.93 12.40 -15.71
C VAL B 197 -9.22 13.20 -15.57
N PHE B 198 -9.33 13.99 -14.50
CA PHE B 198 -10.55 14.75 -14.24
C PHE B 198 -10.26 16.25 -14.21
#